data_6SZE
#
_entry.id   6SZE
#
_cell.length_a   131.660
_cell.length_b   131.660
_cell.length_c   107.084
_cell.angle_alpha   90.000
_cell.angle_beta   90.000
_cell.angle_gamma   120.000
#
_symmetry.space_group_name_H-M   'P 32 2 1'
#
loop_
_entity.id
_entity.type
_entity.pdbx_description
1 polymer 'Receptor-interacting serine/threonine-protein kinase 2'
2 non-polymer 5-Amino-1-Phenylpyrazole-4-Carboxamide
3 non-polymer 'CALCIUM ION'
4 water water
#
_entity_poly.entity_id   1
_entity_poly.type   'polypeptide(L)'
_entity_poly.pdbx_seq_one_letter_code
;GMNGEAICSALPTIPYHKLADLRYLSRGASGTVSSARHADWRVQVAVKHLHIHTPLLDSERKDVLREAEILHKARFSYIL
PILGICNEPEFLGIVTEYMPNGSLNELLHRKTEYPDVAWPLRFRILHEIALGVNYLHNMTPPLLHHDLKTQNILLDNEFH
VKIADFGLSKWRMMSLSQSRSSKSAPEGGTIIYMPPENYEPGQKSRASIKHDIYSYAVITWEVLSRKQPFEDVTNPLQIM
YSVSQGHRPVINEESLPYDIPHRARMISLIESGWAQNPDERPSFLKCLIELEPVLRTFEEITFLEAVIQLK
;
_entity_poly.pdbx_strand_id   A,B
#
# COMPACT_ATOMS: atom_id res chain seq x y z
N ALA A 6 -13.33 -13.80 15.48
CA ALA A 6 -14.46 -13.94 14.51
C ALA A 6 -14.64 -12.70 13.60
N ILE A 7 -13.61 -11.84 13.58
CA ILE A 7 -13.61 -10.54 12.86
C ILE A 7 -13.79 -10.66 11.32
N CYS A 8 -14.82 -9.98 10.81
CA CYS A 8 -15.20 -10.01 9.36
C CYS A 8 -15.43 -8.67 8.67
N SER A 9 -14.84 -8.51 7.49
CA SER A 9 -14.93 -7.30 6.67
C SER A 9 -15.63 -7.57 5.35
N ALA A 10 -16.48 -6.64 4.94
CA ALA A 10 -17.25 -6.78 3.71
C ALA A 10 -16.75 -5.88 2.59
N LEU A 11 -16.86 -6.37 1.36
CA LEU A 11 -16.43 -5.63 0.18
C LEU A 11 -17.49 -4.60 -0.18
N PRO A 12 -17.08 -3.31 -0.26
CA PRO A 12 -18.03 -2.24 -0.62
C PRO A 12 -18.62 -2.43 -2.01
N THR A 13 -19.87 -1.98 -2.19
CA THR A 13 -20.51 -2.02 -3.51
C THR A 13 -20.37 -0.62 -4.11
N ILE A 14 -19.80 -0.56 -5.31
CA ILE A 14 -19.59 0.72 -6.00
C ILE A 14 -20.65 0.91 -7.08
N PRO A 15 -21.42 2.01 -6.98
CA PRO A 15 -22.42 2.36 -7.99
C PRO A 15 -21.75 2.89 -9.25
N TYR A 16 -22.02 2.26 -10.40
CA TYR A 16 -21.43 2.66 -11.70
C TYR A 16 -21.33 4.17 -11.95
N HIS A 17 -22.33 4.92 -11.46
CA HIS A 17 -22.38 6.38 -11.64
C HIS A 17 -21.28 7.15 -10.90
N LYS A 18 -20.66 6.47 -9.92
CA LYS A 18 -19.53 7.01 -9.14
C LYS A 18 -18.19 6.85 -9.88
N LEU A 19 -18.15 6.01 -10.91
CA LEU A 19 -16.95 5.78 -11.70
C LEU A 19 -16.90 6.73 -12.90
N ALA A 20 -16.28 7.88 -12.70
CA ALA A 20 -16.11 8.92 -13.75
C ALA A 20 -14.86 8.71 -14.60
N ASP A 21 -14.90 9.25 -15.83
CA ASP A 21 -13.79 9.23 -16.81
C ASP A 21 -13.32 7.82 -17.22
N LEU A 22 -14.27 6.89 -17.32
CA LEU A 22 -13.98 5.49 -17.63
C LEU A 22 -13.39 5.25 -19.04
N ARG A 23 -12.07 5.47 -19.17
CA ARG A 23 -11.28 5.26 -20.39
C ARG A 23 -10.55 3.92 -20.39
N TYR A 24 -10.47 3.30 -21.57
CA TYR A 24 -9.79 2.02 -21.81
C TYR A 24 -8.30 2.07 -21.38
N LEU A 25 -7.78 0.94 -20.88
CA LEU A 25 -6.38 0.84 -20.44
C LEU A 25 -5.64 -0.39 -21.04
N SER A 26 -6.11 -1.60 -20.72
CA SER A 26 -5.55 -2.88 -21.26
C SER A 26 -6.64 -3.98 -21.31
N ARG A 27 -6.39 -5.04 -22.07
CA ARG A 27 -7.39 -6.11 -22.25
C ARG A 27 -6.80 -7.50 -22.46
N GLY A 28 -7.61 -8.52 -22.17
CA GLY A 28 -7.23 -9.93 -22.35
C GLY A 28 -7.02 -10.73 -21.08
N ALA A 29 -6.72 -10.02 -19.98
CA ALA A 29 -6.45 -10.60 -18.63
C ALA A 29 -7.51 -11.62 -18.19
N SER A 30 -8.78 -11.21 -18.28
CA SER A 30 -9.97 -12.00 -18.00
C SER A 30 -11.12 -11.10 -18.44
N GLY A 31 -10.75 -10.09 -19.21
CA GLY A 31 -11.64 -9.05 -19.73
C GLY A 31 -10.85 -7.76 -19.96
N THR A 32 -11.59 -6.65 -20.08
CA THR A 32 -11.00 -5.34 -20.32
C THR A 32 -10.80 -4.56 -19.01
N VAL A 33 -9.64 -3.92 -18.91
CA VAL A 33 -9.31 -3.09 -17.77
C VAL A 33 -9.33 -1.64 -18.21
N SER A 34 -10.12 -0.83 -17.51
CA SER A 34 -10.26 0.58 -17.81
C SER A 34 -9.92 1.41 -16.58
N SER A 35 -9.29 2.56 -16.81
CA SER A 35 -8.97 3.46 -15.72
C SER A 35 -10.15 4.41 -15.51
N ALA A 36 -10.34 4.84 -14.27
CA ALA A 36 -11.40 5.75 -13.91
C ALA A 36 -11.00 6.50 -12.66
N ARG A 37 -11.92 7.30 -12.13
CA ARG A 37 -11.77 7.98 -10.85
C ARG A 37 -13.07 7.87 -10.07
N HIS A 38 -12.96 7.55 -8.78
CA HIS A 38 -14.15 7.47 -7.92
C HIS A 38 -14.59 8.90 -7.57
N ALA A 39 -15.87 9.18 -7.84
CA ALA A 39 -16.46 10.51 -7.65
C ALA A 39 -16.49 11.00 -6.21
N ASP A 40 -16.67 10.07 -5.26
CA ASP A 40 -16.73 10.43 -3.83
C ASP A 40 -15.39 10.31 -3.11
N TRP A 41 -14.63 9.26 -3.44
CA TRP A 41 -13.34 8.97 -2.77
C TRP A 41 -12.20 9.83 -3.26
N ARG A 42 -12.32 10.35 -4.49
CA ARG A 42 -11.34 11.24 -5.13
C ARG A 42 -9.99 10.59 -5.39
N VAL A 43 -10.03 9.36 -5.89
CA VAL A 43 -8.83 8.59 -6.20
C VAL A 43 -8.97 7.92 -7.57
N GLN A 44 -7.84 7.75 -8.25
CA GLN A 44 -7.85 7.01 -9.51
C GLN A 44 -8.01 5.53 -9.20
N VAL A 45 -8.75 4.84 -10.06
CA VAL A 45 -8.99 3.41 -9.88
C VAL A 45 -8.79 2.68 -11.20
N ALA A 46 -8.90 1.36 -11.14
CA ALA A 46 -8.86 0.49 -12.30
C ALA A 46 -10.10 -0.40 -12.21
N VAL A 47 -10.74 -0.65 -13.35
CA VAL A 47 -11.96 -1.47 -13.40
C VAL A 47 -11.77 -2.61 -14.40
N LYS A 48 -12.10 -3.83 -13.97
CA LYS A 48 -12.04 -5.01 -14.84
C LYS A 48 -13.46 -5.52 -15.15
N HIS A 49 -13.83 -5.44 -16.43
CA HIS A 49 -15.16 -5.82 -16.94
C HIS A 49 -15.07 -6.69 -18.22
N LEU A 50 -16.11 -7.50 -18.46
CA LEU A 50 -16.15 -8.45 -19.58
C LEU A 50 -16.16 -7.82 -20.98
N LEU A 56 -23.74 -9.90 -21.45
CA LEU A 56 -23.56 -10.63 -20.19
C LEU A 56 -23.94 -12.10 -20.36
N LEU A 57 -23.03 -13.00 -20.01
CA LEU A 57 -23.28 -14.45 -20.09
C LEU A 57 -23.90 -15.01 -18.78
N ASP A 58 -24.24 -16.30 -18.79
CA ASP A 58 -24.91 -16.97 -17.66
C ASP A 58 -24.08 -17.01 -16.36
N SER A 59 -23.04 -17.85 -16.34
CA SER A 59 -22.16 -17.96 -15.17
C SER A 59 -20.78 -17.32 -15.39
N GLU A 60 -20.69 -16.43 -16.38
CA GLU A 60 -19.49 -15.60 -16.61
C GLU A 60 -19.51 -14.53 -15.50
N ARG A 61 -20.71 -14.26 -15.00
CA ARG A 61 -20.96 -13.39 -13.86
C ARG A 61 -20.37 -14.01 -12.59
N LYS A 62 -20.54 -15.33 -12.43
CA LYS A 62 -19.99 -16.08 -11.28
C LYS A 62 -18.45 -16.08 -11.29
N ASP A 63 -17.85 -15.92 -12.48
CA ASP A 63 -16.38 -15.83 -12.64
C ASP A 63 -15.83 -14.50 -12.12
N VAL A 64 -16.51 -13.42 -12.45
CA VAL A 64 -16.16 -12.05 -12.03
C VAL A 64 -16.28 -11.94 -10.50
N LEU A 65 -17.30 -12.58 -9.94
CA LEU A 65 -17.54 -12.62 -8.49
C LEU A 65 -16.52 -13.51 -7.74
N ARG A 66 -16.04 -14.54 -8.44
CA ARG A 66 -15.06 -15.50 -7.92
C ARG A 66 -13.69 -14.81 -7.77
N GLU A 67 -13.30 -14.00 -8.77
CA GLU A 67 -12.04 -13.23 -8.75
C GLU A 67 -12.11 -12.13 -7.68
N ALA A 68 -13.26 -11.47 -7.57
CA ALA A 68 -13.48 -10.42 -6.58
C ALA A 68 -13.39 -10.96 -5.16
N GLU A 69 -13.93 -12.16 -4.94
CA GLU A 69 -13.90 -12.82 -3.63
C GLU A 69 -12.46 -13.20 -3.27
N ILE A 70 -11.71 -13.67 -4.28
CA ILE A 70 -10.32 -14.07 -4.11
C ILE A 70 -9.45 -12.85 -3.75
N LEU A 71 -9.53 -11.79 -4.56
CA LEU A 71 -8.80 -10.55 -4.28
C LEU A 71 -9.12 -9.98 -2.88
N HIS A 72 -10.38 -10.11 -2.48
CA HIS A 72 -10.83 -9.62 -1.19
C HIS A 72 -10.36 -10.50 0.00
N LYS A 73 -10.29 -11.81 -0.21
CA LYS A 73 -9.82 -12.74 0.84
C LYS A 73 -8.31 -12.79 0.96
N ALA A 74 -7.62 -12.49 -0.14
CA ALA A 74 -6.16 -12.55 -0.19
C ALA A 74 -5.45 -11.19 -0.09
N ARG A 75 -5.97 -10.30 0.74
CA ARG A 75 -5.41 -8.96 0.94
C ARG A 75 -4.06 -9.04 1.63
N PHE A 76 -3.06 -8.42 1.00
CA PHE A 76 -1.70 -8.40 1.51
C PHE A 76 -0.92 -7.33 0.77
N SER A 77 0.18 -6.90 1.41
CA SER A 77 1.09 -5.89 0.90
C SER A 77 1.50 -6.03 -0.57
N TYR A 78 1.64 -7.27 -1.05
CA TYR A 78 2.10 -7.52 -2.42
C TYR A 78 1.06 -8.08 -3.38
N ILE A 79 -0.21 -8.03 -2.95
CA ILE A 79 -1.40 -8.44 -3.72
C ILE A 79 -2.16 -7.16 -4.12
N LEU A 80 -2.67 -7.12 -5.35
CA LEU A 80 -3.45 -5.96 -5.83
C LEU A 80 -4.64 -5.74 -4.91
N PRO A 81 -4.71 -4.56 -4.25
CA PRO A 81 -5.86 -4.33 -3.36
C PRO A 81 -7.15 -4.05 -4.13
N ILE A 82 -8.19 -4.80 -3.79
CA ILE A 82 -9.52 -4.64 -4.36
C ILE A 82 -10.22 -3.56 -3.52
N LEU A 83 -10.80 -2.58 -4.20
CA LEU A 83 -11.46 -1.46 -3.52
C LEU A 83 -12.96 -1.69 -3.35
N GLY A 84 -13.54 -2.45 -4.28
CA GLY A 84 -14.96 -2.77 -4.24
C GLY A 84 -15.47 -3.41 -5.51
N ILE A 85 -16.66 -4.00 -5.40
CA ILE A 85 -17.34 -4.59 -6.56
C ILE A 85 -18.39 -3.62 -7.10
N CYS A 86 -18.54 -3.60 -8.42
CA CYS A 86 -19.53 -2.76 -9.09
C CYS A 86 -20.55 -3.68 -9.77
N ASN A 87 -21.49 -4.17 -8.96
CA ASN A 87 -22.49 -5.13 -9.42
C ASN A 87 -23.88 -4.52 -9.53
N GLU A 88 -24.32 -4.41 -10.77
CA GLU A 88 -25.62 -3.86 -11.13
C GLU A 88 -26.18 -4.63 -12.31
N PRO A 89 -27.51 -4.57 -12.54
CA PRO A 89 -28.12 -5.21 -13.72
C PRO A 89 -27.50 -4.71 -15.04
N GLU A 90 -27.07 -3.45 -15.05
CA GLU A 90 -26.47 -2.80 -16.21
C GLU A 90 -24.98 -3.12 -16.41
N PHE A 91 -24.17 -2.97 -15.36
CA PHE A 91 -22.70 -3.13 -15.42
C PHE A 91 -22.12 -4.04 -14.35
N LEU A 92 -21.07 -4.77 -14.72
CA LEU A 92 -20.35 -5.66 -13.79
C LEU A 92 -18.83 -5.56 -13.92
N GLY A 93 -18.20 -5.14 -12.82
CA GLY A 93 -16.75 -4.96 -12.78
C GLY A 93 -16.09 -4.96 -11.42
N ILE A 94 -14.81 -5.34 -11.40
CA ILE A 94 -13.99 -5.38 -10.20
C ILE A 94 -13.23 -4.04 -10.11
N VAL A 95 -13.42 -3.31 -9.02
CA VAL A 95 -12.74 -2.01 -8.85
C VAL A 95 -11.54 -2.19 -7.93
N THR A 96 -10.37 -1.96 -8.48
CA THR A 96 -9.11 -2.09 -7.74
C THR A 96 -8.33 -0.79 -7.76
N GLU A 97 -7.22 -0.76 -7.03
CA GLU A 97 -6.33 0.38 -7.07
C GLU A 97 -5.78 0.48 -8.47
N TYR A 98 -5.27 1.65 -8.81
CA TYR A 98 -4.70 1.88 -10.12
C TYR A 98 -3.18 1.75 -10.02
N MET A 99 -2.60 1.06 -11.00
CA MET A 99 -1.16 0.81 -11.05
C MET A 99 -0.57 1.66 -12.20
N PRO A 100 -0.03 2.86 -11.87
CA PRO A 100 0.48 3.77 -12.93
C PRO A 100 1.69 3.29 -13.71
N ASN A 101 2.32 2.20 -13.30
CA ASN A 101 3.51 1.75 -14.01
C ASN A 101 3.31 0.40 -14.70
N GLY A 102 2.04 0.03 -14.82
CA GLY A 102 1.61 -1.19 -15.51
C GLY A 102 2.20 -2.47 -15.00
N SER A 103 2.66 -3.30 -15.95
CA SER A 103 3.18 -4.64 -15.64
C SER A 103 4.70 -4.76 -15.75
N LEU A 104 5.23 -5.80 -15.10
CA LEU A 104 6.65 -6.11 -15.12
C LEU A 104 7.14 -6.34 -16.55
N ASN A 105 6.27 -6.93 -17.36
CA ASN A 105 6.48 -7.20 -18.78
C ASN A 105 6.87 -5.93 -19.55
N GLU A 106 6.07 -4.87 -19.39
CA GLU A 106 6.34 -3.58 -20.03
C GLU A 106 7.70 -3.02 -19.62
N LEU A 107 8.01 -3.07 -18.31
CA LEU A 107 9.29 -2.57 -17.78
C LEU A 107 10.52 -3.29 -18.36
N LEU A 108 10.41 -4.60 -18.47
CA LEU A 108 11.52 -5.44 -18.92
C LEU A 108 11.78 -5.35 -20.41
N HIS A 109 10.69 -5.23 -21.19
CA HIS A 109 10.80 -5.31 -22.64
C HIS A 109 10.70 -4.02 -23.44
N ARG A 110 10.15 -2.95 -22.85
CA ARG A 110 10.17 -1.65 -23.53
C ARG A 110 11.53 -1.02 -23.23
N LYS A 111 12.55 -1.49 -23.95
CA LYS A 111 13.94 -1.05 -23.75
C LYS A 111 14.29 0.37 -24.19
N THR A 112 13.52 0.98 -25.09
CA THR A 112 13.82 2.35 -25.48
C THR A 112 13.26 3.28 -24.41
N GLU A 113 12.04 2.98 -23.97
CA GLU A 113 11.39 3.71 -22.88
C GLU A 113 12.17 3.56 -21.56
N TYR A 114 12.64 2.34 -21.28
CA TYR A 114 13.41 2.03 -20.08
C TYR A 114 14.78 1.47 -20.45
N PRO A 115 15.75 2.37 -20.74
CA PRO A 115 17.09 1.86 -21.08
C PRO A 115 17.79 1.18 -19.90
N ASP A 116 17.64 1.70 -18.68
CA ASP A 116 18.31 1.12 -17.49
C ASP A 116 17.38 0.79 -16.34
N VAL A 117 17.33 -0.49 -16.00
CA VAL A 117 16.55 -0.95 -14.86
C VAL A 117 17.64 -1.50 -13.95
N ALA A 118 18.10 -0.63 -13.06
CA ALA A 118 19.17 -0.92 -12.12
C ALA A 118 18.93 -2.19 -11.31
N TRP A 119 20.03 -2.88 -11.00
CA TRP A 119 19.98 -4.13 -10.25
C TRP A 119 19.18 -4.11 -8.96
N PRO A 120 19.37 -3.05 -8.11
CA PRO A 120 18.60 -3.05 -6.87
C PRO A 120 17.09 -3.19 -7.09
N LEU A 121 16.55 -2.50 -8.08
CA LEU A 121 15.12 -2.58 -8.35
C LEU A 121 14.69 -3.99 -8.79
N ARG A 122 15.46 -4.59 -9.70
CA ARG A 122 15.21 -5.95 -10.20
C ARG A 122 15.12 -6.96 -9.05
N PHE A 123 16.12 -6.95 -8.16
CA PHE A 123 16.10 -7.85 -7.02
C PHE A 123 14.91 -7.63 -6.09
N ARG A 124 14.54 -6.35 -5.89
CA ARG A 124 13.39 -6.01 -5.04
C ARG A 124 12.09 -6.55 -5.67
N ILE A 125 11.94 -6.37 -6.99
CA ILE A 125 10.80 -6.90 -7.71
C ILE A 125 10.73 -8.41 -7.52
N LEU A 126 11.87 -9.08 -7.70
CA LEU A 126 11.95 -10.54 -7.52
C LEU A 126 11.55 -10.98 -6.11
N HIS A 127 12.11 -10.32 -5.09
CA HIS A 127 11.80 -10.57 -3.68
C HIS A 127 10.30 -10.42 -3.40
N GLU A 128 9.71 -9.30 -3.86
CA GLU A 128 8.28 -9.00 -3.66
C GLU A 128 7.32 -10.00 -4.34
N ILE A 129 7.57 -10.33 -5.62
CA ILE A 129 6.84 -11.40 -6.32
C ILE A 129 6.82 -12.66 -5.42
N ALA A 130 8.00 -13.05 -4.93
CA ALA A 130 8.10 -14.21 -4.07
C ALA A 130 7.28 -14.01 -2.78
N LEU A 131 7.40 -12.82 -2.17
CA LEU A 131 6.64 -12.49 -0.93
C LEU A 131 5.14 -12.61 -1.15
N GLY A 132 4.67 -12.13 -2.29
CA GLY A 132 3.26 -12.23 -2.67
C GLY A 132 2.81 -13.68 -2.84
N VAL A 133 3.48 -14.42 -3.71
CA VAL A 133 3.14 -15.82 -3.91
C VAL A 133 3.20 -16.58 -2.58
N ASN A 134 4.26 -16.38 -1.79
CA ASN A 134 4.44 -17.05 -0.50
C ASN A 134 3.23 -16.87 0.42
N TYR A 135 2.73 -15.64 0.48
CA TYR A 135 1.56 -15.33 1.28
C TYR A 135 0.37 -16.20 0.87
N LEU A 136 0.11 -16.27 -0.43
CA LEU A 136 -0.95 -17.10 -0.99
C LEU A 136 -0.81 -18.55 -0.55
N HIS A 137 0.40 -19.11 -0.70
CA HIS A 137 0.72 -20.48 -0.32
C HIS A 137 0.56 -20.74 1.19
N ASN A 138 0.47 -19.66 1.98
CA ASN A 138 0.37 -19.73 3.42
C ASN A 138 -1.02 -19.45 3.99
N MET A 139 -1.97 -19.16 3.10
CA MET A 139 -3.36 -19.02 3.49
C MET A 139 -3.91 -20.41 3.78
N THR A 140 -5.07 -20.49 4.43
CA THR A 140 -5.71 -21.78 4.69
C THR A 140 -7.13 -21.83 4.08
N PRO A 141 -7.36 -22.72 3.10
CA PRO A 141 -6.33 -23.64 2.58
C PRO A 141 -5.29 -22.90 1.67
N PRO A 142 -4.14 -23.56 1.36
CA PRO A 142 -3.17 -22.91 0.46
C PRO A 142 -3.83 -22.53 -0.86
N LEU A 143 -3.70 -21.26 -1.22
CA LEU A 143 -4.23 -20.74 -2.48
C LEU A 143 -3.08 -20.71 -3.46
N LEU A 144 -3.27 -21.40 -4.59
CA LEU A 144 -2.25 -21.49 -5.62
C LEU A 144 -2.50 -20.48 -6.74
N HIS A 145 -1.44 -19.83 -7.20
CA HIS A 145 -1.55 -18.83 -8.27
C HIS A 145 -1.92 -19.52 -9.59
N HIS A 146 -1.03 -20.42 -10.03
CA HIS A 146 -1.16 -21.20 -11.26
C HIS A 146 -1.12 -20.48 -12.60
N ASP A 147 -1.09 -19.14 -12.59
CA ASP A 147 -0.97 -18.40 -13.84
C ASP A 147 0.03 -17.22 -13.75
N LEU A 148 1.09 -17.38 -12.96
CA LEU A 148 2.10 -16.34 -12.77
C LEU A 148 2.88 -16.05 -14.05
N LYS A 149 2.86 -14.79 -14.45
CA LYS A 149 3.54 -14.31 -15.68
C LYS A 149 3.88 -12.83 -15.53
N THR A 150 4.83 -12.34 -16.34
CA THR A 150 5.28 -10.94 -16.26
C THR A 150 4.15 -9.91 -16.51
N GLN A 151 3.09 -10.33 -17.20
CA GLN A 151 1.88 -9.52 -17.48
C GLN A 151 0.99 -9.35 -16.24
N ASN A 152 1.07 -10.32 -15.31
CA ASN A 152 0.32 -10.34 -14.04
C ASN A 152 0.98 -9.60 -12.91
N ILE A 153 2.29 -9.38 -12.99
CA ILE A 153 3.03 -8.69 -11.95
C ILE A 153 2.86 -7.22 -12.26
N LEU A 154 2.09 -6.52 -11.43
CA LEU A 154 1.83 -5.08 -11.63
C LEU A 154 2.74 -4.22 -10.78
N LEU A 155 2.97 -3.00 -11.25
CA LEU A 155 3.90 -2.11 -10.59
C LEU A 155 3.23 -0.81 -10.21
N ASP A 156 3.20 -0.52 -8.90
CA ASP A 156 2.57 0.73 -8.39
C ASP A 156 3.43 1.97 -8.70
N ASN A 157 3.10 3.10 -8.08
CA ASN A 157 3.79 4.38 -8.31
C ASN A 157 5.27 4.40 -7.92
N GLU A 158 5.68 3.54 -6.99
CA GLU A 158 7.09 3.47 -6.60
C GLU A 158 7.79 2.17 -7.03
N PHE A 159 7.19 1.52 -8.02
CA PHE A 159 7.67 0.25 -8.58
C PHE A 159 7.74 -0.89 -7.56
N HIS A 160 6.72 -0.92 -6.70
CA HIS A 160 6.51 -2.02 -5.78
C HIS A 160 5.55 -2.97 -6.47
N VAL A 161 5.73 -4.26 -6.23
CA VAL A 161 4.94 -5.30 -6.87
C VAL A 161 3.53 -5.47 -6.27
N LYS A 162 2.56 -5.68 -7.15
CA LYS A 162 1.20 -6.10 -6.77
C LYS A 162 0.86 -7.24 -7.73
N ILE A 163 0.72 -8.45 -7.21
CA ILE A 163 0.36 -9.58 -8.07
C ILE A 163 -1.16 -9.64 -8.25
N ALA A 164 -1.58 -10.05 -9.46
CA ALA A 164 -2.98 -10.14 -9.83
C ALA A 164 -3.25 -11.39 -10.68
N ASP A 165 -4.52 -11.64 -11.04
CA ASP A 165 -4.96 -12.77 -11.88
C ASP A 165 -4.56 -14.15 -11.38
N PHE A 166 -4.65 -14.35 -10.07
CA PHE A 166 -4.26 -15.62 -9.45
C PHE A 166 -5.45 -16.43 -8.95
N GLY A 167 -5.27 -17.74 -8.90
CA GLY A 167 -6.28 -18.71 -8.44
C GLY A 167 -7.51 -18.75 -9.33
N LEU A 168 -7.28 -18.75 -10.65
CA LEU A 168 -8.37 -18.73 -11.62
C LEU A 168 -8.41 -19.95 -12.57
N SER A 169 -7.26 -20.60 -12.80
CA SER A 169 -7.17 -21.78 -13.69
C SER A 169 -7.51 -23.07 -12.96
N THR A 190 -0.31 -17.76 -23.14
CA THR A 190 1.13 -18.01 -23.05
C THR A 190 1.45 -19.19 -22.16
N ILE A 191 2.47 -19.95 -22.56
CA ILE A 191 2.90 -21.20 -21.88
C ILE A 191 4.36 -21.23 -21.44
N ILE A 192 5.08 -20.13 -21.64
CA ILE A 192 6.50 -20.04 -21.29
C ILE A 192 6.79 -20.18 -19.78
N TYR A 193 5.77 -20.00 -18.93
CA TYR A 193 5.89 -20.09 -17.46
C TYR A 193 5.30 -21.38 -16.89
N MET A 194 4.71 -22.19 -17.76
CA MET A 194 4.06 -23.43 -17.38
C MET A 194 5.08 -24.59 -17.22
N PRO A 195 5.05 -25.31 -16.07
CA PRO A 195 5.95 -26.45 -15.85
C PRO A 195 5.56 -27.62 -16.77
N PRO A 196 6.54 -28.40 -17.26
CA PRO A 196 6.21 -29.44 -18.26
C PRO A 196 5.12 -30.43 -17.88
N GLU A 197 5.07 -30.83 -16.60
CA GLU A 197 4.07 -31.79 -16.12
C GLU A 197 2.63 -31.27 -16.19
N ASN A 198 2.48 -29.96 -16.36
CA ASN A 198 1.16 -29.32 -16.39
C ASN A 198 0.50 -29.36 -17.78
N TYR A 199 1.14 -29.98 -18.78
CA TYR A 199 0.56 -30.04 -20.13
C TYR A 199 -0.61 -31.03 -20.23
N GLU A 200 -0.48 -32.18 -19.58
CA GLU A 200 -1.50 -33.24 -19.60
C GLU A 200 -1.96 -33.62 -18.19
N SER A 208 -0.90 -29.16 -7.99
CA SER A 208 0.54 -29.15 -7.92
C SER A 208 1.06 -27.89 -7.24
N ILE A 209 1.48 -28.08 -5.98
CA ILE A 209 2.06 -27.03 -5.14
C ILE A 209 3.36 -26.48 -5.76
N LYS A 210 4.00 -27.30 -6.61
CA LYS A 210 5.25 -26.94 -7.30
C LYS A 210 5.19 -26.22 -8.67
N HIS A 211 3.99 -25.85 -9.13
CA HIS A 211 3.79 -25.15 -10.40
C HIS A 211 4.39 -23.74 -10.32
N ASP A 212 3.88 -22.93 -9.37
CA ASP A 212 4.27 -21.53 -9.20
C ASP A 212 5.79 -21.24 -9.15
N ILE A 213 6.55 -22.11 -8.47
CA ILE A 213 8.02 -21.95 -8.37
C ILE A 213 8.71 -22.09 -9.74
N TYR A 214 8.09 -22.86 -10.64
CA TYR A 214 8.60 -23.03 -11.98
C TYR A 214 8.46 -21.68 -12.67
N SER A 215 7.26 -21.10 -12.58
CA SER A 215 6.95 -19.80 -13.19
C SER A 215 7.89 -18.74 -12.65
N TYR A 216 8.04 -18.74 -11.34
CA TYR A 216 8.95 -17.83 -10.65
C TYR A 216 10.38 -17.93 -11.21
N ALA A 217 10.87 -19.17 -11.40
CA ALA A 217 12.20 -19.41 -11.97
C ALA A 217 12.36 -18.78 -13.36
N VAL A 218 11.33 -18.94 -14.21
CA VAL A 218 11.34 -18.38 -15.57
C VAL A 218 11.33 -16.85 -15.50
N ILE A 219 10.46 -16.30 -14.65
CA ILE A 219 10.35 -14.86 -14.43
C ILE A 219 11.69 -14.26 -14.01
N THR A 220 12.38 -14.97 -13.10
CA THR A 220 13.67 -14.55 -12.59
C THR A 220 14.66 -14.46 -13.74
N TRP A 221 14.64 -15.49 -14.60
CA TRP A 221 15.51 -15.53 -15.78
C TRP A 221 15.21 -14.35 -16.72
N GLU A 222 13.92 -14.05 -16.89
CA GLU A 222 13.46 -12.96 -17.74
C GLU A 222 13.91 -11.62 -17.16
N VAL A 223 13.68 -11.42 -15.86
CA VAL A 223 14.07 -10.21 -15.13
C VAL A 223 15.58 -9.94 -15.22
N LEU A 224 16.39 -10.98 -15.05
CA LEU A 224 17.83 -10.81 -15.03
C LEU A 224 18.50 -10.66 -16.39
N SER A 225 17.80 -11.11 -17.44
CA SER A 225 18.35 -11.09 -18.79
C SER A 225 17.70 -10.08 -19.72
N ARG A 226 16.51 -9.59 -19.35
CA ARG A 226 15.66 -8.72 -20.20
C ARG A 226 15.42 -9.30 -21.60
N LYS A 227 15.61 -10.62 -21.72
CA LYS A 227 15.34 -11.37 -22.95
C LYS A 227 14.01 -12.09 -22.82
N GLN A 228 13.38 -12.36 -23.97
CA GLN A 228 12.14 -13.13 -24.00
C GLN A 228 12.59 -14.60 -23.95
N PRO A 229 12.00 -15.41 -23.05
CA PRO A 229 12.35 -16.84 -22.93
C PRO A 229 12.13 -17.57 -24.25
N PHE A 230 13.10 -18.40 -24.65
CA PHE A 230 13.07 -19.14 -25.94
C PHE A 230 12.85 -18.12 -27.04
N GLU A 231 13.81 -17.21 -27.15
CA GLU A 231 13.76 -16.07 -28.09
C GLU A 231 13.65 -16.50 -29.55
N ASP A 232 14.45 -17.50 -29.92
CA ASP A 232 14.57 -17.97 -31.30
C ASP A 232 13.59 -19.08 -31.70
N VAL A 233 12.52 -19.25 -30.92
CA VAL A 233 11.52 -20.29 -31.19
C VAL A 233 10.26 -19.68 -31.80
N THR A 234 9.93 -20.16 -33.00
CA THR A 234 8.77 -19.66 -33.77
C THR A 234 7.41 -20.12 -33.22
N ASN A 235 7.23 -21.45 -33.09
CA ASN A 235 5.97 -22.10 -32.68
C ASN A 235 5.92 -22.43 -31.18
N PRO A 236 4.86 -22.01 -30.44
CA PRO A 236 4.71 -22.33 -29.01
C PRO A 236 4.77 -23.83 -28.73
N LEU A 237 4.44 -24.63 -29.74
CA LEU A 237 4.51 -26.10 -29.66
C LEU A 237 5.95 -26.57 -29.60
N GLN A 238 6.85 -25.91 -30.33
CA GLN A 238 8.28 -26.23 -30.26
C GLN A 238 8.83 -26.03 -28.85
N ILE A 239 8.31 -25.00 -28.17
CA ILE A 239 8.65 -24.69 -26.76
C ILE A 239 8.19 -25.86 -25.89
N MET A 240 6.87 -26.10 -25.90
CA MET A 240 6.26 -27.17 -25.11
C MET A 240 7.00 -28.50 -25.24
N TYR A 241 7.44 -28.81 -26.46
CA TYR A 241 8.17 -30.03 -26.72
C TYR A 241 9.59 -29.93 -26.14
N SER A 242 10.29 -28.85 -26.45
CA SER A 242 11.64 -28.62 -25.90
C SER A 242 11.62 -28.69 -24.37
N VAL A 243 10.67 -27.99 -23.76
CA VAL A 243 10.54 -27.92 -22.29
C VAL A 243 10.39 -29.33 -21.70
N SER A 244 9.49 -30.13 -22.27
CA SER A 244 9.24 -31.49 -21.80
C SER A 244 10.45 -32.42 -21.93
N GLN A 245 11.36 -32.08 -22.85
CA GLN A 245 12.62 -32.82 -23.04
C GLN A 245 13.75 -32.30 -22.13
N GLY A 246 13.40 -31.41 -21.20
CA GLY A 246 14.34 -30.84 -20.23
C GLY A 246 15.04 -29.54 -20.62
N HIS A 247 14.72 -29.01 -21.80
CA HIS A 247 15.27 -27.75 -22.29
C HIS A 247 14.65 -26.59 -21.53
N ARG A 248 15.47 -25.57 -21.26
CA ARG A 248 15.08 -24.39 -20.48
C ARG A 248 15.71 -23.16 -21.12
N PRO A 249 15.23 -21.93 -20.80
CA PRO A 249 15.87 -20.72 -21.36
C PRO A 249 17.38 -20.77 -21.17
N VAL A 250 18.11 -20.29 -22.17
CA VAL A 250 19.58 -20.40 -22.21
C VAL A 250 20.29 -19.65 -21.09
N ILE A 251 21.26 -20.31 -20.46
CA ILE A 251 22.11 -19.70 -19.43
C ILE A 251 23.60 -19.69 -19.84
N ASN A 252 24.07 -18.51 -20.27
CA ASN A 252 25.47 -18.25 -20.65
C ASN A 252 25.78 -16.75 -20.55
N GLU A 253 26.94 -16.31 -21.01
CA GLU A 253 27.36 -14.90 -20.86
C GLU A 253 26.51 -13.91 -21.68
N GLU A 254 25.88 -14.38 -22.74
CA GLU A 254 25.05 -13.54 -23.60
C GLU A 254 23.72 -13.20 -22.92
N SER A 255 23.11 -14.20 -22.27
CA SER A 255 21.82 -14.05 -21.57
C SER A 255 21.98 -13.49 -20.15
N LEU A 256 22.90 -14.07 -19.39
CA LEU A 256 23.17 -13.63 -18.03
C LEU A 256 24.65 -13.23 -17.91
N PRO A 257 24.97 -11.95 -18.22
CA PRO A 257 26.35 -11.43 -18.21
C PRO A 257 27.06 -11.59 -16.87
N TYR A 258 28.38 -11.79 -16.89
CA TYR A 258 29.13 -12.03 -15.66
C TYR A 258 29.09 -10.92 -14.61
N ASP A 259 28.62 -9.73 -14.98
CA ASP A 259 28.54 -8.62 -14.04
C ASP A 259 27.21 -8.54 -13.23
N ILE A 260 26.33 -9.53 -13.38
CA ILE A 260 25.07 -9.58 -12.62
C ILE A 260 25.41 -9.82 -11.15
N PRO A 261 24.96 -8.91 -10.25
CA PRO A 261 25.24 -9.15 -8.82
C PRO A 261 24.71 -10.53 -8.41
N HIS A 262 25.51 -11.26 -7.63
CA HIS A 262 25.13 -12.59 -7.09
C HIS A 262 24.69 -13.60 -8.18
N ARG A 263 25.35 -13.52 -9.34
CA ARG A 263 25.04 -14.31 -10.51
C ARG A 263 24.98 -15.82 -10.25
N ALA A 264 26.05 -16.38 -9.69
CA ALA A 264 26.12 -17.82 -9.40
C ALA A 264 24.91 -18.22 -8.59
N ARG A 265 24.71 -17.48 -7.52
CA ARG A 265 23.65 -17.67 -6.57
C ARG A 265 22.25 -17.67 -7.21
N MET A 266 21.99 -16.71 -8.10
CA MET A 266 20.70 -16.60 -8.79
C MET A 266 20.46 -17.77 -9.76
N ILE A 267 21.48 -18.11 -10.56
CA ILE A 267 21.45 -19.27 -11.45
C ILE A 267 21.01 -20.56 -10.73
N SER A 268 21.53 -20.80 -9.52
CA SER A 268 21.14 -21.94 -8.67
C SER A 268 19.66 -21.91 -8.37
N LEU A 269 19.18 -20.77 -7.88
CA LEU A 269 17.78 -20.59 -7.55
C LEU A 269 16.94 -20.86 -8.80
N ILE A 270 17.34 -20.29 -9.93
CA ILE A 270 16.64 -20.47 -11.21
C ILE A 270 16.56 -21.94 -11.58
N GLU A 271 17.72 -22.60 -11.56
CA GLU A 271 17.83 -24.01 -11.96
C GLU A 271 17.11 -25.00 -11.07
N SER A 272 17.11 -24.76 -9.76
CA SER A 272 16.34 -25.61 -8.84
C SER A 272 14.84 -25.33 -8.97
N GLY A 273 14.49 -24.07 -9.27
CA GLY A 273 13.11 -23.63 -9.43
C GLY A 273 12.42 -24.19 -10.66
N TRP A 274 13.16 -24.33 -11.77
CA TRP A 274 12.53 -24.88 -12.97
C TRP A 274 12.93 -26.33 -13.26
N ALA A 275 13.44 -27.01 -12.23
CA ALA A 275 13.86 -28.42 -12.31
C ALA A 275 12.75 -29.29 -12.91
N GLN A 276 13.15 -30.23 -13.77
CA GLN A 276 12.22 -31.16 -14.45
C GLN A 276 11.32 -31.91 -13.45
N ASN A 277 11.94 -32.33 -12.34
CA ASN A 277 11.27 -33.05 -11.26
C ASN A 277 10.64 -32.05 -10.26
N PRO A 278 9.30 -32.05 -10.13
CA PRO A 278 8.64 -31.13 -9.19
C PRO A 278 9.24 -31.18 -7.76
N ASP A 279 9.42 -32.40 -7.24
CA ASP A 279 9.98 -32.66 -5.91
C ASP A 279 11.30 -31.91 -5.63
N GLU A 280 12.14 -31.74 -6.65
CA GLU A 280 13.42 -31.04 -6.51
C GLU A 280 13.34 -29.52 -6.48
N ARG A 281 12.13 -28.98 -6.64
CA ARG A 281 11.94 -27.53 -6.66
C ARG A 281 11.71 -26.99 -5.24
N PRO A 282 12.28 -25.81 -4.92
CA PRO A 282 12.10 -25.31 -3.56
C PRO A 282 10.71 -24.80 -3.27
N SER A 283 10.37 -24.73 -1.99
CA SER A 283 9.14 -24.07 -1.54
C SER A 283 9.46 -22.59 -1.58
N PHE A 284 8.42 -21.74 -1.56
CA PHE A 284 8.66 -20.29 -1.51
C PHE A 284 9.37 -19.82 -0.24
N LEU A 285 9.19 -20.57 0.85
CA LEU A 285 9.91 -20.33 2.11
C LEU A 285 11.42 -20.47 1.91
N LYS A 286 11.83 -21.58 1.28
CA LYS A 286 13.23 -21.89 1.00
C LYS A 286 13.80 -20.81 0.10
N CYS A 287 13.08 -20.54 -0.99
CA CYS A 287 13.42 -19.47 -1.92
C CYS A 287 13.55 -18.11 -1.24
N LEU A 288 12.68 -17.80 -0.27
CA LEU A 288 12.82 -16.54 0.44
C LEU A 288 14.06 -16.50 1.31
N ILE A 289 14.35 -17.60 2.02
CA ILE A 289 15.55 -17.69 2.86
C ILE A 289 16.85 -17.53 2.03
N GLU A 290 16.83 -18.01 0.78
CA GLU A 290 17.95 -17.82 -0.14
C GLU A 290 18.10 -16.35 -0.55
N LEU A 291 16.97 -15.70 -0.82
CA LEU A 291 16.94 -14.30 -1.26
C LEU A 291 17.23 -13.23 -0.22
N GLU A 292 16.75 -13.46 0.99
CA GLU A 292 16.90 -12.48 2.08
C GLU A 292 18.33 -11.93 2.22
N PRO A 293 19.37 -12.79 2.35
CA PRO A 293 20.75 -12.28 2.44
C PRO A 293 21.19 -11.45 1.24
N VAL A 294 20.70 -11.79 0.05
CA VAL A 294 20.98 -11.05 -1.19
C VAL A 294 20.39 -9.64 -1.11
N LEU A 295 19.10 -9.54 -0.79
CA LEU A 295 18.45 -8.23 -0.64
C LEU A 295 19.03 -7.34 0.44
N ARG A 296 19.64 -7.93 1.48
CA ARG A 296 20.28 -7.15 2.55
C ARG A 296 21.53 -6.40 2.08
N THR A 297 22.13 -6.84 0.97
CA THR A 297 23.35 -6.24 0.43
C THR A 297 23.09 -4.92 -0.30
N PHE A 298 21.82 -4.61 -0.57
CA PHE A 298 21.45 -3.35 -1.25
C PHE A 298 21.01 -2.30 -0.24
N GLU A 299 21.64 -1.12 -0.32
CA GLU A 299 21.32 -0.01 0.55
C GLU A 299 19.94 0.54 0.19
N GLU A 300 19.15 0.87 1.20
CA GLU A 300 17.78 1.37 1.04
C GLU A 300 17.68 2.50 0.02
N ILE A 301 18.71 3.37 -0.02
CA ILE A 301 18.71 4.48 -0.97
C ILE A 301 18.86 4.05 -2.43
N THR A 302 19.63 2.98 -2.68
CA THR A 302 19.84 2.50 -4.05
C THR A 302 18.55 2.09 -4.79
N PHE A 303 17.49 1.71 -4.04
CA PHE A 303 16.19 1.40 -4.67
C PHE A 303 15.53 2.69 -5.17
N LEU A 304 15.51 3.71 -4.32
CA LEU A 304 14.97 5.05 -4.65
C LEU A 304 15.67 5.70 -5.86
N GLU A 305 17.00 5.57 -5.90
CA GLU A 305 17.82 6.08 -7.00
C GLU A 305 17.60 5.31 -8.30
N ALA A 306 17.31 4.01 -8.17
CA ALA A 306 16.95 3.17 -9.31
C ALA A 306 15.58 3.61 -9.88
N VAL A 307 14.68 4.02 -8.99
CA VAL A 307 13.32 4.44 -9.38
C VAL A 307 13.29 5.83 -10.05
N ILE A 308 14.03 6.78 -9.48
CA ILE A 308 14.07 8.15 -10.03
C ILE A 308 14.66 8.18 -11.43
N GLN A 309 15.60 7.28 -11.70
CA GLN A 309 16.26 7.11 -12.99
C GLN A 309 15.28 6.71 -14.10
N LEU A 310 14.16 6.08 -13.72
CA LEU A 310 13.14 5.63 -14.67
C LEU A 310 12.17 6.72 -15.15
N LYS A 311 11.62 6.50 -16.36
CA LYS A 311 10.64 7.41 -17.01
C LYS A 311 9.25 7.41 -16.34
N ALA B 6 -23.18 -8.58 -0.91
CA ALA B 6 -21.75 -8.28 -0.65
C ALA B 6 -20.95 -9.53 -0.23
N ILE B 7 -19.63 -9.43 -0.32
CA ILE B 7 -18.69 -10.55 -0.08
C ILE B 7 -17.88 -10.33 1.22
N CYS B 8 -17.60 -11.40 1.95
CA CYS B 8 -16.90 -11.31 3.24
C CYS B 8 -15.43 -11.83 3.30
N SER B 9 -14.60 -11.15 4.09
CA SER B 9 -13.16 -11.46 4.30
C SER B 9 -12.81 -11.48 5.79
N ALA B 10 -12.10 -12.52 6.22
CA ALA B 10 -11.73 -12.67 7.63
C ALA B 10 -10.32 -12.16 7.92
N LEU B 11 -10.14 -11.61 9.11
CA LEU B 11 -8.82 -11.16 9.53
C LEU B 11 -8.11 -12.38 10.12
N PRO B 12 -6.90 -12.72 9.60
CA PRO B 12 -6.13 -13.89 10.04
C PRO B 12 -5.73 -13.81 11.50
N THR B 13 -5.60 -14.99 12.12
CA THR B 13 -5.14 -15.07 13.50
C THR B 13 -3.68 -15.49 13.48
N ILE B 14 -2.83 -14.62 14.00
CA ILE B 14 -1.41 -14.88 13.98
C ILE B 14 -0.95 -15.41 15.34
N PRO B 15 -0.36 -16.62 15.35
CA PRO B 15 0.19 -17.08 16.62
C PRO B 15 1.35 -16.18 17.08
N TYR B 16 1.44 -15.94 18.39
CA TYR B 16 2.51 -15.12 18.97
C TYR B 16 3.88 -15.67 18.60
N HIS B 17 4.03 -17.00 18.61
CA HIS B 17 5.31 -17.66 18.31
C HIS B 17 5.85 -17.37 16.91
N LYS B 18 4.95 -16.98 16.00
CA LYS B 18 5.28 -16.62 14.61
C LYS B 18 5.97 -15.26 14.47
N LEU B 19 5.95 -14.45 15.52
CA LEU B 19 6.57 -13.14 15.51
C LEU B 19 7.97 -13.25 16.09
N ALA B 20 8.97 -13.02 15.25
CA ALA B 20 10.37 -13.06 15.65
C ALA B 20 10.94 -11.63 15.75
N ASP B 21 12.13 -11.52 16.37
CA ASP B 21 12.89 -10.27 16.57
C ASP B 21 12.02 -9.13 17.11
N LEU B 22 11.16 -9.47 18.06
CA LEU B 22 10.26 -8.52 18.67
C LEU B 22 11.06 -7.46 19.48
N ARG B 23 11.10 -6.24 18.95
CA ARG B 23 11.81 -5.11 19.57
C ARG B 23 10.84 -3.96 19.78
N TYR B 24 11.08 -3.21 20.86
CA TYR B 24 10.32 -2.01 21.24
C TYR B 24 10.44 -0.94 20.15
N LEU B 25 9.32 -0.28 19.84
CA LEU B 25 9.29 0.77 18.80
C LEU B 25 8.83 2.13 19.35
N SER B 26 7.63 2.19 19.94
CA SER B 26 7.07 3.42 20.56
C SER B 26 6.03 3.06 21.63
N ARG B 27 5.90 3.92 22.66
CA ARG B 27 4.95 3.69 23.77
C ARG B 27 3.58 4.34 23.53
N GLY B 31 -1.63 1.67 23.91
CA GLY B 31 -0.66 0.67 24.35
C GLY B 31 0.75 0.86 23.79
N THR B 32 1.50 -0.24 23.76
CA THR B 32 2.90 -0.27 23.27
C THR B 32 2.96 -0.81 21.84
N VAL B 33 3.89 -0.27 21.03
CA VAL B 33 4.10 -0.73 19.66
C VAL B 33 5.51 -1.34 19.53
N SER B 34 5.56 -2.56 19.00
CA SER B 34 6.82 -3.26 18.78
C SER B 34 6.98 -3.64 17.31
N SER B 35 8.22 -3.58 16.82
CA SER B 35 8.54 -4.08 15.47
C SER B 35 8.84 -5.58 15.59
N ALA B 36 8.68 -6.30 14.49
CA ALA B 36 8.91 -7.74 14.43
C ALA B 36 8.87 -8.22 12.98
N ARG B 37 9.14 -9.51 12.79
CA ARG B 37 9.04 -10.18 11.48
C ARG B 37 8.18 -11.45 11.63
N HIS B 38 7.35 -11.71 10.62
CA HIS B 38 6.51 -12.90 10.62
C HIS B 38 7.33 -14.05 10.05
N ALA B 39 7.51 -15.11 10.83
CA ALA B 39 8.36 -16.27 10.44
C ALA B 39 7.99 -17.03 9.15
N ASP B 40 6.73 -16.91 8.73
CA ASP B 40 6.25 -17.59 7.53
C ASP B 40 6.10 -16.63 6.37
N TRP B 41 5.55 -15.44 6.63
CA TRP B 41 5.27 -14.45 5.58
C TRP B 41 6.52 -13.72 5.15
N ARG B 42 7.51 -13.71 6.04
CA ARG B 42 8.86 -13.18 5.78
C ARG B 42 8.87 -11.69 5.51
N VAL B 43 8.00 -10.97 6.21
CA VAL B 43 7.92 -9.52 6.06
C VAL B 43 8.03 -8.94 7.46
N GLN B 44 8.41 -7.66 7.52
CA GLN B 44 8.43 -6.98 8.80
C GLN B 44 7.00 -6.56 9.12
N VAL B 45 6.68 -6.56 10.41
CA VAL B 45 5.34 -6.18 10.87
C VAL B 45 5.51 -5.27 12.09
N ALA B 46 4.44 -4.57 12.46
CA ALA B 46 4.39 -3.81 13.70
C ALA B 46 3.27 -4.41 14.54
N VAL B 47 3.52 -4.56 15.85
CA VAL B 47 2.56 -5.17 16.79
C VAL B 47 2.19 -4.19 17.92
N LYS B 48 0.91 -3.77 17.98
CA LYS B 48 0.41 -2.94 19.09
C LYS B 48 -0.22 -3.87 20.14
N HIS B 49 0.26 -3.76 21.38
CA HIS B 49 -0.15 -4.61 22.52
C HIS B 49 -0.19 -3.90 23.89
N LEU B 50 -0.75 -4.60 24.88
CA LEU B 50 -0.84 -4.12 26.28
C LEU B 50 0.39 -4.53 27.07
N LEU B 57 -2.19 -7.32 31.61
CA LEU B 57 -3.27 -7.31 30.63
C LEU B 57 -4.62 -7.58 31.28
N ASP B 58 -5.57 -6.67 31.04
CA ASP B 58 -6.94 -6.76 31.58
C ASP B 58 -7.86 -7.61 30.71
N SER B 59 -8.98 -8.05 31.29
CA SER B 59 -10.01 -8.80 30.54
C SER B 59 -11.03 -7.84 29.90
N GLU B 60 -10.83 -6.54 30.13
CA GLU B 60 -11.56 -5.46 29.48
C GLU B 60 -10.72 -5.12 28.24
N ARG B 61 -10.41 -6.18 27.49
CA ARG B 61 -9.55 -6.16 26.31
C ARG B 61 -10.36 -6.18 24.99
N LYS B 62 -11.60 -5.72 25.08
CA LYS B 62 -12.44 -5.55 23.90
C LYS B 62 -11.95 -4.30 23.15
N ASP B 63 -11.26 -3.41 23.88
CA ASP B 63 -10.61 -2.20 23.34
C ASP B 63 -9.70 -2.54 22.17
N VAL B 64 -8.85 -3.56 22.36
CA VAL B 64 -7.92 -4.05 21.34
C VAL B 64 -8.71 -4.66 20.17
N LEU B 65 -9.64 -5.57 20.46
CA LEU B 65 -10.48 -6.21 19.44
C LEU B 65 -11.33 -5.22 18.61
N ARG B 66 -11.73 -4.11 19.25
CA ARG B 66 -12.54 -3.08 18.58
C ARG B 66 -11.73 -2.33 17.53
N GLU B 67 -10.50 -1.90 17.88
CA GLU B 67 -9.60 -1.20 16.95
C GLU B 67 -9.30 -2.10 15.74
N ALA B 68 -8.93 -3.36 16.04
CA ALA B 68 -8.67 -4.38 15.02
C ALA B 68 -9.84 -4.51 14.05
N GLU B 69 -11.05 -4.58 14.59
CA GLU B 69 -12.27 -4.67 13.78
C GLU B 69 -12.44 -3.41 12.92
N ILE B 70 -12.11 -2.25 13.47
CA ILE B 70 -12.25 -0.99 12.74
C ILE B 70 -11.25 -0.93 11.57
N LEU B 71 -9.97 -1.17 11.86
CA LEU B 71 -8.91 -1.25 10.85
C LEU B 71 -9.23 -2.25 9.74
N HIS B 72 -9.78 -3.40 10.12
CA HIS B 72 -10.16 -4.43 9.19
C HIS B 72 -11.30 -4.00 8.26
N LYS B 73 -12.25 -3.23 8.80
CA LYS B 73 -13.40 -2.77 7.99
C LYS B 73 -13.12 -1.46 7.24
N ALA B 74 -12.20 -0.65 7.75
CA ALA B 74 -11.83 0.64 7.14
C ALA B 74 -10.66 0.54 6.15
N ARG B 75 -10.53 -0.61 5.49
CA ARG B 75 -9.45 -0.88 4.54
C ARG B 75 -9.46 0.04 3.35
N PHE B 76 -8.38 0.79 3.23
CA PHE B 76 -8.20 1.74 2.13
C PHE B 76 -6.74 2.13 1.97
N SER B 77 -6.42 2.66 0.79
CA SER B 77 -5.10 3.12 0.39
C SER B 77 -4.34 3.99 1.38
N TYR B 78 -5.05 4.78 2.18
CA TYR B 78 -4.41 5.71 3.13
C TYR B 78 -4.70 5.42 4.60
N ILE B 79 -5.23 4.22 4.85
CA ILE B 79 -5.55 3.70 6.19
C ILE B 79 -4.58 2.53 6.47
N LEU B 80 -3.86 2.61 7.60
CA LEU B 80 -2.91 1.57 8.02
C LEU B 80 -3.45 0.16 7.80
N PRO B 81 -2.78 -0.65 6.95
CA PRO B 81 -3.33 -2.00 6.75
C PRO B 81 -3.01 -2.94 7.90
N ILE B 82 -4.06 -3.57 8.41
CA ILE B 82 -3.94 -4.57 9.47
C ILE B 82 -3.69 -5.93 8.79
N LEU B 83 -2.77 -6.71 9.37
CA LEU B 83 -2.40 -8.00 8.78
C LEU B 83 -3.02 -9.16 9.55
N GLY B 84 -3.28 -8.93 10.83
CA GLY B 84 -3.88 -9.96 11.66
C GLY B 84 -4.02 -9.59 13.11
N ILE B 85 -4.79 -10.40 13.81
CA ILE B 85 -5.00 -10.27 15.25
C ILE B 85 -4.16 -11.36 15.94
N CYS B 86 -3.47 -10.98 17.01
CA CYS B 86 -2.68 -11.93 17.77
C CYS B 86 -3.44 -12.08 19.10
N ASN B 87 -4.35 -13.06 19.13
CA ASN B 87 -5.26 -13.29 20.27
C ASN B 87 -5.03 -14.60 21.03
N GLU B 88 -4.26 -14.49 22.10
CA GLU B 88 -3.90 -15.63 22.92
C GLU B 88 -4.12 -15.32 24.40
N PRO B 89 -4.24 -16.38 25.25
CA PRO B 89 -4.36 -16.14 26.69
C PRO B 89 -3.14 -15.40 27.26
N GLU B 90 -1.97 -15.70 26.71
CA GLU B 90 -0.70 -15.12 27.13
C GLU B 90 -0.49 -13.64 26.68
N PHE B 91 -0.88 -13.33 25.44
CA PHE B 91 -0.59 -12.05 24.79
C PHE B 91 -1.71 -11.65 23.84
N LEU B 92 -2.04 -10.36 23.83
CA LEU B 92 -3.04 -9.81 22.91
C LEU B 92 -2.51 -8.58 22.16
N GLY B 93 -2.50 -8.68 20.82
CA GLY B 93 -2.00 -7.60 19.97
C GLY B 93 -2.57 -7.49 18.55
N ILE B 94 -2.38 -6.31 17.99
CA ILE B 94 -2.81 -5.98 16.62
C ILE B 94 -1.57 -5.99 15.74
N VAL B 95 -1.59 -6.83 14.69
CA VAL B 95 -0.46 -6.94 13.78
C VAL B 95 -0.77 -6.18 12.49
N THR B 96 0.01 -5.12 12.25
CA THR B 96 -0.13 -4.28 11.05
C THR B 96 1.16 -4.21 10.25
N GLU B 97 1.10 -3.60 9.07
CA GLU B 97 2.30 -3.33 8.28
C GLU B 97 3.22 -2.40 9.07
N TYR B 98 4.51 -2.59 8.88
CA TYR B 98 5.55 -1.77 9.50
C TYR B 98 5.82 -0.52 8.67
N MET B 99 5.67 0.63 9.30
CA MET B 99 5.88 1.92 8.67
C MET B 99 7.30 2.32 9.06
N PRO B 100 8.25 2.18 8.10
CA PRO B 100 9.65 2.44 8.45
C PRO B 100 10.00 3.90 8.75
N ASN B 101 9.17 4.84 8.33
CA ASN B 101 9.46 6.27 8.55
C ASN B 101 8.67 6.96 9.68
N GLY B 102 8.08 6.15 10.57
CA GLY B 102 7.36 6.65 11.73
C GLY B 102 6.19 7.59 11.49
N SER B 103 6.16 8.67 12.28
CA SER B 103 5.03 9.61 12.25
C SER B 103 5.37 10.95 11.63
N LEU B 104 4.31 11.63 11.14
CA LEU B 104 4.40 12.97 10.58
C LEU B 104 4.95 13.96 11.61
N ASN B 105 4.67 13.69 12.89
CA ASN B 105 5.16 14.50 14.01
C ASN B 105 6.67 14.55 14.04
N GLU B 106 7.31 13.39 13.86
CA GLU B 106 8.77 13.26 13.88
C GLU B 106 9.42 13.90 12.64
N LEU B 107 8.69 13.91 11.52
CA LEU B 107 9.16 14.55 10.29
C LEU B 107 9.19 16.07 10.44
N LEU B 108 8.10 16.61 10.96
CA LEU B 108 7.94 18.05 11.16
C LEU B 108 8.85 18.65 12.21
N HIS B 109 9.17 17.89 13.25
CA HIS B 109 9.86 18.48 14.42
C HIS B 109 11.29 18.06 14.70
N ARG B 110 11.76 16.94 14.12
CA ARG B 110 13.17 16.57 14.24
C ARG B 110 13.90 17.32 13.12
N LYS B 111 14.11 18.61 13.37
CA LYS B 111 14.69 19.56 12.41
C LYS B 111 16.16 19.38 12.10
N THR B 112 16.87 18.66 12.96
CA THR B 112 18.29 18.39 12.75
C THR B 112 18.37 17.28 11.69
N GLU B 113 17.71 16.16 11.97
CA GLU B 113 17.56 15.02 11.07
C GLU B 113 16.98 15.40 9.67
N TYR B 114 15.96 16.26 9.68
CA TYR B 114 15.28 16.74 8.46
C TYR B 114 15.33 18.27 8.32
N PRO B 115 16.50 18.81 7.89
CA PRO B 115 16.56 20.26 7.72
C PRO B 115 15.51 20.75 6.74
N ASP B 116 15.29 20.02 5.64
CA ASP B 116 14.27 20.40 4.66
C ASP B 116 13.23 19.31 4.50
N VAL B 117 11.99 19.75 4.32
CA VAL B 117 10.89 18.86 3.98
C VAL B 117 10.27 19.65 2.85
N ALA B 118 10.56 19.23 1.63
CA ALA B 118 10.14 19.95 0.45
C ALA B 118 8.61 20.09 0.33
N TRP B 119 8.19 21.23 -0.19
CA TRP B 119 6.76 21.56 -0.34
C TRP B 119 5.94 20.48 -1.05
N PRO B 120 6.44 19.92 -2.19
CA PRO B 120 5.58 18.90 -2.84
C PRO B 120 5.23 17.75 -1.90
N LEU B 121 6.18 17.34 -1.05
CA LEU B 121 5.93 16.23 -0.13
C LEU B 121 4.91 16.63 0.93
N ARG B 122 5.09 17.83 1.50
CA ARG B 122 4.17 18.37 2.50
C ARG B 122 2.75 18.39 1.94
N PHE B 123 2.59 18.82 0.70
CA PHE B 123 1.27 18.88 0.08
C PHE B 123 0.71 17.51 -0.27
N ARG B 124 1.57 16.55 -0.61
CA ARG B 124 1.09 15.20 -0.89
C ARG B 124 0.57 14.56 0.41
N ILE B 125 1.34 14.74 1.49
CA ILE B 125 0.94 14.26 2.82
C ILE B 125 -0.45 14.81 3.19
N LEU B 126 -0.60 16.13 3.09
CA LEU B 126 -1.88 16.78 3.37
C LEU B 126 -3.00 16.22 2.50
N HIS B 127 -2.72 16.09 1.21
CA HIS B 127 -3.70 15.56 0.26
C HIS B 127 -4.14 14.15 0.68
N GLU B 128 -3.16 13.32 1.06
CA GLU B 128 -3.38 11.93 1.45
C GLU B 128 -4.11 11.77 2.79
N ILE B 129 -3.74 12.56 3.80
CA ILE B 129 -4.47 12.61 5.09
C ILE B 129 -5.96 12.86 4.80
N ALA B 130 -6.23 13.85 3.95
CA ALA B 130 -7.57 14.21 3.55
C ALA B 130 -8.27 13.08 2.79
N LEU B 131 -7.52 12.32 2.00
CA LEU B 131 -8.09 11.20 1.24
C LEU B 131 -8.53 10.05 2.11
N GLY B 132 -7.76 9.81 3.18
CA GLY B 132 -8.07 8.74 4.13
C GLY B 132 -9.29 9.08 4.95
N VAL B 133 -9.26 10.28 5.56
CA VAL B 133 -10.36 10.75 6.40
C VAL B 133 -11.66 10.87 5.60
N ASN B 134 -11.58 11.42 4.38
CA ASN B 134 -12.75 11.51 3.51
C ASN B 134 -13.34 10.13 3.32
N TYR B 135 -12.49 9.15 3.00
CA TYR B 135 -12.94 7.78 2.77
C TYR B 135 -13.73 7.24 3.99
N LEU B 136 -13.18 7.47 5.19
CA LEU B 136 -13.82 7.05 6.45
C LEU B 136 -15.21 7.64 6.57
N HIS B 137 -15.28 8.97 6.33
CA HIS B 137 -16.51 9.76 6.32
C HIS B 137 -17.52 9.31 5.28
N ASN B 138 -17.05 8.71 4.19
CA ASN B 138 -17.93 8.18 3.14
C ASN B 138 -18.35 6.72 3.32
N MET B 139 -17.89 6.10 4.41
CA MET B 139 -18.31 4.73 4.73
C MET B 139 -19.77 4.72 5.14
N THR B 140 -20.36 3.54 5.12
CA THR B 140 -21.75 3.42 5.49
C THR B 140 -21.92 2.46 6.69
N PRO B 141 -22.21 2.99 7.89
CA PRO B 141 -22.39 4.42 8.18
C PRO B 141 -21.05 5.18 8.33
N PRO B 142 -21.08 6.53 8.26
CA PRO B 142 -19.82 7.29 8.38
C PRO B 142 -19.02 6.90 9.61
N LEU B 143 -17.71 6.80 9.43
CA LEU B 143 -16.78 6.49 10.51
C LEU B 143 -15.96 7.75 10.78
N LEU B 144 -15.98 8.19 12.03
CA LEU B 144 -15.32 9.43 12.43
C LEU B 144 -14.07 9.11 13.23
N HIS B 145 -12.99 9.83 12.95
CA HIS B 145 -11.71 9.55 13.58
C HIS B 145 -11.63 10.04 15.03
N HIS B 146 -12.05 11.28 15.25
CA HIS B 146 -12.05 11.94 16.56
C HIS B 146 -10.73 12.06 17.33
N ASP B 147 -9.64 11.51 16.80
CA ASP B 147 -8.34 11.71 17.44
C ASP B 147 -7.18 11.97 16.44
N LEU B 148 -7.44 12.75 15.40
CA LEU B 148 -6.39 13.11 14.43
C LEU B 148 -5.31 13.98 15.05
N LYS B 149 -4.07 13.55 14.84
CA LYS B 149 -2.88 14.24 15.32
C LYS B 149 -1.69 13.80 14.51
N THR B 150 -0.63 14.61 14.52
CA THR B 150 0.56 14.31 13.73
C THR B 150 1.19 12.98 14.14
N GLN B 151 0.95 12.58 15.40
CA GLN B 151 1.41 11.32 16.00
C GLN B 151 0.82 10.09 15.31
N ASN B 152 -0.43 10.20 14.85
CA ASN B 152 -1.20 9.13 14.19
C ASN B 152 -1.13 9.07 12.66
N ILE B 153 -0.42 10.02 12.07
CA ILE B 153 -0.25 10.02 10.63
C ILE B 153 1.07 9.30 10.41
N LEU B 154 0.99 8.05 9.99
CA LEU B 154 2.19 7.24 9.79
C LEU B 154 2.62 7.32 8.35
N LEU B 155 3.93 7.24 8.15
CA LEU B 155 4.56 7.40 6.85
C LEU B 155 5.30 6.12 6.45
N ASP B 156 4.99 5.62 5.25
CA ASP B 156 5.62 4.39 4.76
C ASP B 156 7.01 4.67 4.17
N ASN B 157 7.61 3.66 3.53
CA ASN B 157 8.96 3.76 2.92
C ASN B 157 9.19 4.93 1.95
N GLU B 158 8.14 5.33 1.23
CA GLU B 158 8.24 6.44 0.28
C GLU B 158 7.47 7.68 0.73
N PHE B 159 7.26 7.76 2.05
CA PHE B 159 6.60 8.88 2.72
C PHE B 159 5.15 9.12 2.31
N HIS B 160 4.47 8.02 1.96
CA HIS B 160 3.03 8.03 1.73
C HIS B 160 2.33 7.84 3.07
N VAL B 161 1.12 8.39 3.15
CA VAL B 161 0.33 8.40 4.38
C VAL B 161 -0.46 7.11 4.67
N LYS B 162 -0.43 6.71 5.95
CA LYS B 162 -1.23 5.64 6.51
C LYS B 162 -1.78 6.19 7.83
N ILE B 163 -3.10 6.34 7.88
CA ILE B 163 -3.82 6.85 9.05
C ILE B 163 -3.99 5.72 10.06
N ALA B 164 -3.59 5.99 11.29
CA ALA B 164 -3.71 5.02 12.36
C ALA B 164 -4.40 5.62 13.57
N ASP B 165 -4.61 4.76 14.57
CA ASP B 165 -5.22 5.07 15.85
C ASP B 165 -6.71 5.39 15.75
N PHE B 166 -7.47 4.32 15.88
CA PHE B 166 -8.92 4.33 15.83
C PHE B 166 -9.57 3.96 17.18
N GLY B 167 -8.78 4.06 18.26
CA GLY B 167 -9.24 3.77 19.63
C GLY B 167 -10.37 4.69 20.10
N LEU B 168 -10.22 6.00 19.89
CA LEU B 168 -11.25 6.97 20.26
C LEU B 168 -12.24 7.20 19.10
N SER B 169 -12.08 6.43 18.02
CA SER B 169 -12.92 6.58 16.84
C SER B 169 -14.22 5.79 16.95
N LYS B 170 -15.31 6.47 16.59
CA LYS B 170 -16.68 5.91 16.62
C LYS B 170 -17.36 6.07 15.25
N TRP B 171 -18.35 5.22 14.99
CA TRP B 171 -19.09 5.21 13.73
C TRP B 171 -20.04 6.42 13.56
N GLU B 187 -7.42 8.10 30.74
CA GLU B 187 -6.28 9.00 30.56
C GLU B 187 -5.89 9.17 29.07
N GLY B 188 -5.50 10.40 28.71
CA GLY B 188 -5.10 10.75 27.34
C GLY B 188 -3.87 11.65 27.26
N GLY B 189 -3.71 12.33 26.12
CA GLY B 189 -2.57 13.22 25.85
C GLY B 189 -2.88 14.63 25.38
N THR B 190 -2.41 14.97 24.17
CA THR B 190 -2.50 16.32 23.59
C THR B 190 -3.92 16.83 23.27
N ILE B 191 -4.08 18.15 23.35
CA ILE B 191 -5.38 18.81 23.19
C ILE B 191 -5.53 19.73 21.96
N ILE B 192 -4.39 20.18 21.43
CA ILE B 192 -4.26 21.14 20.32
C ILE B 192 -5.02 20.85 19.02
N TYR B 193 -5.48 19.62 18.83
CA TYR B 193 -6.22 19.26 17.62
C TYR B 193 -7.70 19.06 17.88
N MET B 194 -8.12 19.32 19.12
CA MET B 194 -9.50 19.12 19.54
C MET B 194 -10.33 20.40 19.41
N PRO B 195 -11.49 20.32 18.69
CA PRO B 195 -12.37 21.47 18.51
C PRO B 195 -12.92 21.95 19.87
N PRO B 196 -13.11 23.28 20.07
CA PRO B 196 -13.59 23.81 21.36
C PRO B 196 -14.92 23.23 21.84
N GLU B 197 -15.86 22.98 20.93
CA GLU B 197 -17.17 22.40 21.32
C GLU B 197 -17.12 21.03 22.03
N ASN B 198 -16.07 20.25 21.74
N ASN B 198 -16.09 20.23 21.73
CA ASN B 198 -15.86 18.90 22.32
CA ASN B 198 -15.93 18.92 22.36
C ASN B 198 -15.07 18.92 23.64
C ASN B 198 -15.03 18.94 23.60
N TYR B 199 -14.88 20.11 24.23
CA TYR B 199 -14.15 20.25 25.52
C TYR B 199 -14.93 19.68 26.72
N GLU B 200 -16.26 19.73 26.59
CA GLU B 200 -17.20 19.16 27.54
C GLU B 200 -18.04 18.21 26.65
N PRO B 201 -17.56 16.94 26.46
CA PRO B 201 -18.18 15.99 25.50
C PRO B 201 -19.61 15.54 25.81
N SER B 208 -20.97 14.35 16.19
CA SER B 208 -20.33 15.53 15.62
C SER B 208 -19.48 15.17 14.40
N ILE B 209 -20.03 15.38 13.21
CA ILE B 209 -19.32 15.04 11.95
C ILE B 209 -18.25 16.10 11.59
N LYS B 210 -18.19 17.17 12.38
CA LYS B 210 -17.24 18.25 12.12
C LYS B 210 -15.99 18.33 13.02
N HIS B 211 -15.74 17.29 13.83
CA HIS B 211 -14.56 17.26 14.72
C HIS B 211 -13.27 17.15 13.90
N ASP B 212 -13.27 16.17 12.99
CA ASP B 212 -12.12 15.82 12.15
C ASP B 212 -11.48 16.98 11.37
N ILE B 213 -12.32 17.72 10.63
CA ILE B 213 -11.82 18.86 9.85
C ILE B 213 -11.03 19.90 10.68
N TYR B 214 -11.46 20.10 11.92
CA TYR B 214 -10.79 21.03 12.83
C TYR B 214 -9.37 20.52 13.09
N SER B 215 -9.28 19.22 13.38
CA SER B 215 -8.01 18.54 13.65
C SER B 215 -7.10 18.70 12.45
N TYR B 216 -7.67 18.43 11.28
CA TYR B 216 -7.00 18.53 9.98
C TYR B 216 -6.42 19.91 9.77
N ALA B 217 -7.25 20.93 9.99
CA ALA B 217 -6.85 22.33 9.87
C ALA B 217 -5.62 22.64 10.72
N VAL B 218 -5.60 22.16 11.96
CA VAL B 218 -4.46 22.36 12.86
C VAL B 218 -3.25 21.61 12.33
N ILE B 219 -3.48 20.42 11.78
CA ILE B 219 -2.41 19.60 11.17
C ILE B 219 -1.84 20.34 9.97
N THR B 220 -2.72 20.78 9.06
CA THR B 220 -2.36 21.59 7.88
C THR B 220 -1.46 22.77 8.28
N TRP B 221 -1.86 23.47 9.34
CA TRP B 221 -1.11 24.60 9.86
C TRP B 221 0.28 24.19 10.33
N GLU B 222 0.32 23.11 11.11
CA GLU B 222 1.57 22.57 11.67
C GLU B 222 2.49 22.07 10.55
N VAL B 223 1.91 21.46 9.52
CA VAL B 223 2.64 20.95 8.35
C VAL B 223 3.32 22.09 7.58
N LEU B 224 2.56 23.16 7.29
CA LEU B 224 3.09 24.33 6.53
C LEU B 224 4.03 25.25 7.32
N SER B 225 4.01 25.13 8.65
CA SER B 225 4.82 25.98 9.51
C SER B 225 6.02 25.30 10.12
N ARG B 226 5.88 24.01 10.41
CA ARG B 226 6.86 23.20 11.18
C ARG B 226 7.04 23.81 12.58
N LYS B 227 5.96 24.46 13.03
CA LYS B 227 5.85 25.11 14.34
C LYS B 227 4.89 24.30 15.22
N GLN B 228 5.22 24.16 16.51
CA GLN B 228 4.31 23.49 17.45
C GLN B 228 3.15 24.47 17.73
N PRO B 229 1.88 24.06 17.51
CA PRO B 229 0.74 24.99 17.74
C PRO B 229 0.73 25.51 19.17
N PHE B 230 0.47 26.81 19.34
CA PHE B 230 0.49 27.51 20.65
C PHE B 230 1.83 27.24 21.32
N GLU B 231 2.89 27.62 20.60
CA GLU B 231 4.29 27.44 20.97
C GLU B 231 4.68 28.16 22.25
N ASP B 232 4.17 29.39 22.40
CA ASP B 232 4.45 30.26 23.54
C ASP B 232 3.81 29.76 24.84
N VAL B 233 2.50 29.48 24.75
CA VAL B 233 1.65 29.00 25.83
C VAL B 233 2.09 27.62 26.36
N THR B 234 2.75 27.60 27.53
CA THR B 234 3.27 26.36 28.16
C THR B 234 2.22 25.57 28.96
N ASN B 235 1.17 26.28 29.40
CA ASN B 235 0.09 25.73 30.21
C ASN B 235 -1.05 25.21 29.29
N PRO B 236 -1.24 23.85 29.22
CA PRO B 236 -2.24 23.24 28.31
C PRO B 236 -3.68 23.67 28.58
N LEU B 237 -3.97 24.04 29.82
CA LEU B 237 -5.31 24.49 30.18
C LEU B 237 -5.52 25.92 29.66
N GLN B 238 -4.44 26.70 29.64
CA GLN B 238 -4.42 28.08 29.12
C GLN B 238 -4.77 28.10 27.61
N ILE B 239 -4.23 27.11 26.89
CA ILE B 239 -4.51 26.90 25.46
C ILE B 239 -6.01 26.72 25.29
N MET B 240 -6.58 25.81 26.08
CA MET B 240 -8.02 25.50 26.04
C MET B 240 -8.87 26.76 26.25
N TYR B 241 -8.47 27.62 27.18
CA TYR B 241 -9.18 28.89 27.42
C TYR B 241 -9.18 29.74 26.16
N SER B 242 -7.97 30.03 25.66
CA SER B 242 -7.78 30.79 24.42
C SER B 242 -8.62 30.26 23.25
N VAL B 243 -8.52 28.94 22.98
CA VAL B 243 -9.25 28.32 21.87
C VAL B 243 -10.75 28.56 21.94
N SER B 244 -11.33 28.45 23.15
CA SER B 244 -12.76 28.71 23.37
C SER B 244 -13.11 30.20 23.14
N GLN B 245 -12.16 31.08 23.46
CA GLN B 245 -12.30 32.52 23.21
C GLN B 245 -11.93 32.87 21.75
N GLY B 246 -12.12 31.91 20.83
CA GLY B 246 -11.88 32.09 19.40
C GLY B 246 -10.45 32.04 18.87
N HIS B 247 -9.46 32.04 19.76
CA HIS B 247 -8.04 32.01 19.40
C HIS B 247 -7.62 30.75 18.65
N ARG B 248 -6.62 30.89 17.78
CA ARG B 248 -6.08 29.79 16.97
C ARG B 248 -4.55 29.95 16.89
N PRO B 249 -3.81 28.95 16.32
CA PRO B 249 -2.36 29.20 16.16
C PRO B 249 -2.11 30.36 15.18
N VAL B 250 -1.03 31.10 15.44
CA VAL B 250 -0.67 32.36 14.73
C VAL B 250 -0.46 32.26 13.21
N ILE B 251 -1.31 32.94 12.44
CA ILE B 251 -1.17 33.02 10.97
C ILE B 251 -0.59 34.38 10.62
N ASN B 252 0.70 34.40 10.32
CA ASN B 252 1.43 35.61 9.98
C ASN B 252 2.66 35.25 9.14
N GLU B 253 3.44 36.26 8.73
CA GLU B 253 4.67 36.05 7.96
C GLU B 253 5.69 35.14 8.66
N GLU B 254 5.85 35.30 9.97
CA GLU B 254 6.83 34.57 10.78
C GLU B 254 6.63 33.04 10.79
N SER B 255 5.39 32.60 11.00
CA SER B 255 5.05 31.16 11.08
C SER B 255 4.83 30.54 9.69
N LEU B 256 4.05 31.23 8.87
CA LEU B 256 3.74 30.81 7.49
C LEU B 256 4.35 31.82 6.49
N PRO B 257 5.61 31.59 6.04
CA PRO B 257 6.30 32.51 5.11
C PRO B 257 5.57 32.74 3.77
N TYR B 258 5.92 33.81 3.06
CA TYR B 258 5.26 34.17 1.78
C TYR B 258 5.56 33.21 0.62
N ASP B 259 6.73 32.58 0.66
CA ASP B 259 7.14 31.63 -0.38
C ASP B 259 6.37 30.29 -0.41
N ILE B 260 5.56 30.02 0.62
CA ILE B 260 4.70 28.82 0.68
C ILE B 260 3.82 28.77 -0.58
N PRO B 261 3.95 27.70 -1.40
CA PRO B 261 3.09 27.55 -2.58
C PRO B 261 1.62 27.69 -2.21
N HIS B 262 0.87 28.44 -3.01
CA HIS B 262 -0.58 28.65 -2.84
C HIS B 262 -0.99 29.15 -1.44
N ARG B 263 -0.10 29.92 -0.79
CA ARG B 263 -0.27 30.41 0.58
C ARG B 263 -1.68 30.88 0.91
N ALA B 264 -2.22 31.76 0.06
CA ALA B 264 -3.57 32.29 0.21
C ALA B 264 -4.64 31.18 0.23
N ARG B 265 -4.65 30.30 -0.77
CA ARG B 265 -5.65 29.23 -0.85
C ARG B 265 -5.56 28.24 0.32
N MET B 266 -4.35 28.05 0.83
CA MET B 266 -4.12 27.17 1.97
C MET B 266 -4.61 27.80 3.28
N ILE B 267 -4.25 29.07 3.50
CA ILE B 267 -4.69 29.84 4.67
C ILE B 267 -6.23 29.91 4.72
N SER B 268 -6.85 30.06 3.55
CA SER B 268 -8.31 30.05 3.40
C SER B 268 -8.85 28.73 3.93
N LEU B 269 -8.24 27.63 3.50
CA LEU B 269 -8.62 26.28 3.89
C LEU B 269 -8.45 26.05 5.40
N ILE B 270 -7.28 26.43 5.94
CA ILE B 270 -6.96 26.31 7.37
C ILE B 270 -7.99 27.04 8.22
N GLU B 271 -8.24 28.30 7.88
CA GLU B 271 -9.22 29.14 8.60
C GLU B 271 -10.65 28.60 8.54
N SER B 272 -11.13 28.23 7.35
CA SER B 272 -12.50 27.69 7.25
C SER B 272 -12.66 26.33 7.96
N GLY B 273 -11.54 25.59 8.04
CA GLY B 273 -11.50 24.29 8.71
C GLY B 273 -11.62 24.41 10.22
N TRP B 274 -10.81 25.28 10.81
CA TRP B 274 -10.83 25.48 12.26
C TRP B 274 -11.78 26.60 12.75
N ALA B 275 -12.88 26.80 12.02
CA ALA B 275 -13.90 27.79 12.39
C ALA B 275 -14.41 27.53 13.81
N GLN B 276 -14.68 28.61 14.56
CA GLN B 276 -15.27 28.52 15.91
C GLN B 276 -16.64 27.87 15.83
N ASN B 277 -17.38 28.12 14.76
CA ASN B 277 -18.68 27.53 14.54
C ASN B 277 -18.56 26.29 13.66
N PRO B 278 -19.00 25.12 14.18
CA PRO B 278 -19.02 23.85 13.46
C PRO B 278 -19.71 23.85 12.10
N ASP B 279 -20.74 24.66 11.92
CA ASP B 279 -21.48 24.68 10.65
C ASP B 279 -20.75 25.42 9.51
N GLU B 280 -19.76 26.25 9.87
CA GLU B 280 -18.94 27.02 8.89
C GLU B 280 -17.71 26.24 8.39
N ARG B 281 -17.62 24.98 8.80
CA ARG B 281 -16.50 24.09 8.47
C ARG B 281 -16.81 23.24 7.25
N PRO B 282 -15.82 23.05 6.35
CA PRO B 282 -16.13 22.32 5.13
C PRO B 282 -16.04 20.81 5.29
N SER B 283 -16.63 20.08 4.34
CA SER B 283 -16.47 18.64 4.32
C SER B 283 -15.06 18.31 3.78
N PHE B 284 -14.65 17.04 3.89
CA PHE B 284 -13.35 16.65 3.33
C PHE B 284 -13.44 16.59 1.82
N LEU B 285 -14.60 16.17 1.29
CA LEU B 285 -14.88 16.15 -0.16
C LEU B 285 -14.65 17.53 -0.78
N LYS B 286 -15.13 18.56 -0.08
CA LYS B 286 -14.94 19.96 -0.46
C LYS B 286 -13.44 20.34 -0.47
N CYS B 287 -12.72 19.97 0.59
CA CYS B 287 -11.27 20.23 0.69
C CYS B 287 -10.45 19.55 -0.40
N LEU B 288 -10.84 18.32 -0.73
CA LEU B 288 -10.15 17.58 -1.77
C LEU B 288 -10.26 18.32 -3.08
N ILE B 289 -11.47 18.70 -3.46
CA ILE B 289 -11.77 19.48 -4.67
C ILE B 289 -10.91 20.76 -4.76
N GLU B 290 -10.70 21.39 -3.61
CA GLU B 290 -9.87 22.56 -3.49
C GLU B 290 -8.40 22.19 -3.72
N LEU B 291 -7.95 21.12 -3.06
CA LEU B 291 -6.56 20.63 -3.11
C LEU B 291 -6.10 19.99 -4.44
N GLU B 292 -7.01 19.33 -5.16
CA GLU B 292 -6.68 18.65 -6.42
C GLU B 292 -5.85 19.48 -7.44
N PRO B 293 -6.30 20.70 -7.83
CA PRO B 293 -5.46 21.48 -8.74
C PRO B 293 -4.15 21.95 -8.10
N VAL B 294 -4.14 22.14 -6.78
CA VAL B 294 -2.93 22.56 -6.05
C VAL B 294 -1.86 21.46 -6.19
N LEU B 295 -2.27 20.21 -6.02
CA LEU B 295 -1.35 19.06 -6.18
C LEU B 295 -0.83 18.84 -7.58
N ARG B 296 -1.66 19.19 -8.58
CA ARG B 296 -1.27 19.08 -10.00
C ARG B 296 -0.20 20.09 -10.42
N THR B 297 0.08 21.11 -9.60
CA THR B 297 1.09 22.12 -9.93
C THR B 297 2.51 21.68 -9.65
N PHE B 298 2.66 20.53 -9.01
CA PHE B 298 3.98 19.94 -8.70
C PHE B 298 4.24 18.79 -9.67
N GLU B 299 5.44 18.75 -10.25
CA GLU B 299 5.82 17.69 -11.18
C GLU B 299 6.11 16.40 -10.44
N GLU B 300 5.81 15.26 -11.08
CA GLU B 300 6.02 13.93 -10.48
C GLU B 300 7.37 13.71 -9.80
N ILE B 301 8.44 14.15 -10.46
CA ILE B 301 9.80 13.95 -9.99
C ILE B 301 10.14 14.64 -8.68
N THR B 302 9.40 15.69 -8.34
CA THR B 302 9.71 16.46 -7.13
C THR B 302 9.39 15.68 -5.86
N PHE B 303 8.42 14.75 -5.95
CA PHE B 303 8.05 13.89 -4.84
C PHE B 303 9.20 12.94 -4.60
N LEU B 304 9.69 12.34 -5.68
CA LEU B 304 10.84 11.44 -5.62
C LEU B 304 12.10 12.16 -5.12
N GLU B 305 12.26 13.42 -5.53
CA GLU B 305 13.38 14.27 -5.08
C GLU B 305 13.29 14.57 -3.58
N ALA B 306 12.06 14.85 -3.10
CA ALA B 306 11.80 15.17 -1.70
C ALA B 306 12.13 13.99 -0.78
N VAL B 307 11.74 12.79 -1.21
CA VAL B 307 12.01 11.56 -0.44
C VAL B 307 13.51 11.26 -0.35
N ILE B 308 14.23 11.35 -1.47
CA ILE B 308 15.69 11.10 -1.49
C ILE B 308 16.42 12.05 -0.53
N GLN B 309 16.01 13.31 -0.51
CA GLN B 309 16.58 14.34 0.36
C GLN B 309 16.47 13.99 1.85
N LEU B 310 15.41 13.24 2.18
CA LEU B 310 15.17 12.83 3.55
C LEU B 310 15.91 11.57 3.97
N LYS B 311 16.21 10.69 3.02
CA LYS B 311 16.86 9.40 3.29
C LYS B 311 18.34 9.47 3.66
#